data_4M7R
#
_entry.id   4M7R
#
_cell.length_a   79.508
_cell.length_b   79.508
_cell.length_c   101.750
_cell.angle_alpha   90.00
_cell.angle_beta   90.00
_cell.angle_gamma   120.00
#
_symmetry.space_group_name_H-M   'P 61'
#
loop_
_entity.id
_entity.type
_entity.pdbx_description
1 polymer Anamorsin
2 non-polymer 'MERCURY (II) ION'
3 water water
#
_entity_poly.entity_id   1
_entity_poly.type   'polypeptide(L)'
_entity_poly.pdbx_seq_one_letter_code
;MHHHHHHSSGVDLGTENLYFQSNAMADFGISAGQFVAVVWDKSSPVEALKGLVDKLQALTGNEGRVSVENIKQLLQSAHK
ESSFDIILSGLVPGSTTLHSAEILAEIARILRPGGCLFLKEPVETAVDNNSKVKTASKLCSALTLSGLVEVKELQREPLT
PEEVQSVREHLGHESDNLLFVQITGKKPNFEVGSSR
;
_entity_poly.pdbx_strand_id   A,B
#
# COMPACT_ATOMS: atom_id res chain seq x y z
N ASP A 12 -0.08 21.55 -25.03
CA ASP A 12 -0.11 22.88 -24.44
C ASP A 12 1.24 23.31 -23.90
N LEU A 13 1.29 24.51 -23.31
CA LEU A 13 2.52 25.09 -22.80
C LEU A 13 3.19 24.23 -21.73
N GLY A 14 2.40 23.64 -20.85
CA GLY A 14 2.92 22.75 -19.82
C GLY A 14 3.70 21.59 -20.41
N THR A 15 3.15 20.97 -21.45
CA THR A 15 3.79 19.85 -22.11
C THR A 15 5.00 20.33 -22.92
N GLU A 16 4.89 21.50 -23.51
CA GLU A 16 6.03 22.03 -24.27
C GLU A 16 7.20 22.29 -23.32
N ASN A 17 6.91 22.83 -22.15
CA ASN A 17 7.94 23.07 -21.15
C ASN A 17 8.61 21.78 -20.70
N LEU A 18 7.80 20.76 -20.47
CA LEU A 18 8.29 19.45 -20.07
C LEU A 18 9.22 18.87 -21.14
N TYR A 19 8.81 19.00 -22.40
CA TYR A 19 9.57 18.47 -23.52
C TYR A 19 10.93 19.15 -23.70
N PHE A 20 10.94 20.48 -23.64
CA PHE A 20 12.18 21.19 -23.91
C PHE A 20 13.12 21.06 -22.73
N GLN A 21 12.59 21.21 -21.52
CA GLN A 21 13.45 21.20 -20.35
C GLN A 21 14.07 19.83 -20.08
N SER A 22 13.47 18.78 -20.66
CA SER A 22 14.00 17.43 -20.48
C SER A 22 14.82 16.96 -21.67
N ASN A 23 15.27 17.90 -22.51
CA ASN A 23 15.97 17.55 -23.75
C ASN A 23 15.15 16.67 -24.68
N ALA A 24 13.96 17.13 -25.06
CA ALA A 24 13.07 16.33 -25.92
C ALA A 24 12.83 14.96 -25.30
N MET A 25 12.65 14.96 -23.97
CA MET A 25 12.39 13.75 -23.17
C MET A 25 13.56 12.78 -23.08
N ALA A 26 14.72 13.16 -23.62
CA ALA A 26 15.89 12.31 -23.50
C ALA A 26 16.27 12.10 -22.03
N ASP A 27 16.02 13.10 -21.20
CA ASP A 27 16.36 12.98 -19.78
C ASP A 27 15.40 12.07 -19.02
N PHE A 28 14.31 11.67 -19.68
CA PHE A 28 13.40 10.66 -19.13
C PHE A 28 13.61 9.32 -19.82
N GLY A 29 14.74 9.19 -20.52
CA GLY A 29 15.07 7.97 -21.25
C GLY A 29 14.14 7.64 -22.41
N ILE A 30 13.52 8.65 -23.01
CA ILE A 30 12.67 8.40 -24.17
C ILE A 30 13.49 8.60 -25.45
N SER A 31 13.48 7.61 -26.32
CA SER A 31 14.21 7.66 -27.59
C SER A 31 13.63 6.61 -28.52
N ALA A 32 14.11 6.60 -29.76
CA ALA A 32 13.68 5.64 -30.77
C ALA A 32 13.75 4.20 -30.25
N GLY A 33 12.64 3.49 -30.39
CA GLY A 33 12.62 2.06 -30.11
C GLY A 33 12.27 1.73 -28.67
N GLN A 34 12.22 2.73 -27.79
CA GLN A 34 11.85 2.47 -26.38
C GLN A 34 10.38 2.07 -26.24
N PHE A 35 10.13 1.13 -25.33
CA PHE A 35 8.78 0.77 -24.94
C PHE A 35 8.46 1.54 -23.67
N VAL A 36 7.47 2.42 -23.76
CA VAL A 36 7.15 3.36 -22.70
C VAL A 36 5.69 3.22 -22.29
N ALA A 37 5.43 3.28 -20.98
CA ALA A 37 4.05 3.44 -20.51
C ALA A 37 3.90 4.80 -19.82
N VAL A 38 2.77 5.45 -20.07
CA VAL A 38 2.45 6.74 -19.46
C VAL A 38 1.23 6.55 -18.61
N VAL A 39 1.34 6.86 -17.33
CA VAL A 39 0.25 6.63 -16.40
C VAL A 39 -0.39 7.98 -16.12
N TRP A 40 -1.72 8.06 -16.23
CA TRP A 40 -2.46 9.30 -16.02
C TRP A 40 -3.63 9.02 -15.08
N ASP A 41 -4.29 10.07 -14.64
CA ASP A 41 -5.54 9.90 -13.88
C ASP A 41 -6.47 11.08 -14.12
N LYS A 42 -7.59 11.14 -13.40
CA LYS A 42 -8.58 12.18 -13.67
C LYS A 42 -8.09 13.59 -13.39
N SER A 43 -6.94 13.71 -12.72
CA SER A 43 -6.35 15.04 -12.44
C SER A 43 -5.49 15.50 -13.60
N SER A 44 -5.20 14.58 -14.53
CA SER A 44 -4.41 14.89 -15.72
C SER A 44 -5.23 15.64 -16.78
N PRO A 45 -4.84 16.90 -17.09
CA PRO A 45 -5.56 17.63 -18.13
C PRO A 45 -5.49 16.87 -19.45
N VAL A 46 -6.64 16.73 -20.10
CA VAL A 46 -6.74 15.89 -21.29
C VAL A 46 -5.85 16.40 -22.42
N GLU A 47 -5.84 17.70 -22.65
CA GLU A 47 -4.99 18.24 -23.70
C GLU A 47 -3.50 18.01 -23.44
N ALA A 48 -3.08 18.11 -22.18
CA ALA A 48 -1.69 17.82 -21.82
C ALA A 48 -1.34 16.34 -22.06
N LEU A 49 -2.26 15.45 -21.72
CA LEU A 49 -2.07 14.02 -21.92
C LEU A 49 -1.95 13.68 -23.40
N LYS A 50 -2.88 14.19 -24.20
CA LYS A 50 -2.82 13.99 -25.64
C LYS A 50 -1.53 14.56 -26.24
N GLY A 51 -1.17 15.77 -25.81
CA GLY A 51 0.04 16.42 -26.26
C GLY A 51 1.28 15.60 -25.93
N LEU A 52 1.34 15.08 -24.71
CA LEU A 52 2.48 14.29 -24.28
C LEU A 52 2.57 12.95 -25.03
N VAL A 53 1.43 12.28 -25.16
CA VAL A 53 1.39 11.01 -25.90
C VAL A 53 1.85 11.21 -27.35
N ASP A 54 1.41 12.30 -27.97
CA ASP A 54 1.82 12.61 -29.35
C ASP A 54 3.34 12.71 -29.47
N LYS A 55 3.92 13.45 -28.54
CA LYS A 55 5.37 13.58 -28.50
C LYS A 55 6.10 12.26 -28.27
N LEU A 56 5.61 11.47 -27.32
CA LEU A 56 6.23 10.18 -27.03
C LEU A 56 6.12 9.24 -28.24
N GLN A 57 5.00 9.29 -28.95
CA GLN A 57 4.83 8.43 -30.12
C GLN A 57 5.84 8.80 -31.20
N ALA A 58 6.00 10.10 -31.41
CA ALA A 58 6.98 10.61 -32.39
C ALA A 58 8.39 10.20 -32.02
N LEU A 59 8.73 10.31 -30.74
CA LEU A 59 10.08 10.00 -30.30
C LEU A 59 10.40 8.51 -30.36
N THR A 60 9.46 7.66 -29.95
CA THR A 60 9.75 6.22 -29.91
C THR A 60 9.63 5.56 -31.29
N GLY A 61 8.73 6.10 -32.11
CA GLY A 61 8.60 5.65 -33.50
C GLY A 61 8.02 4.26 -33.67
N ASN A 62 8.08 3.75 -34.90
CA ASN A 62 7.43 2.48 -35.21
C ASN A 62 8.02 1.28 -34.49
N GLU A 63 9.30 1.36 -34.11
CA GLU A 63 9.94 0.21 -33.48
C GLU A 63 9.69 0.21 -31.97
N GLY A 64 9.34 1.36 -31.43
CA GLY A 64 9.01 1.45 -30.02
C GLY A 64 7.52 1.25 -29.77
N ARG A 65 7.06 1.64 -28.59
CA ARG A 65 5.67 1.48 -28.20
C ARG A 65 5.34 2.49 -27.11
N VAL A 66 4.17 3.09 -27.19
CA VAL A 66 3.67 3.94 -26.11
C VAL A 66 2.34 3.36 -25.62
N SER A 67 2.33 2.87 -24.39
CA SER A 67 1.12 2.32 -23.80
C SER A 67 0.61 3.38 -22.84
N VAL A 68 -0.68 3.68 -22.92
CA VAL A 68 -1.26 4.74 -22.11
C VAL A 68 -2.24 4.09 -21.16
N GLU A 69 -2.05 4.30 -19.85
CA GLU A 69 -2.84 3.59 -18.86
C GLU A 69 -3.35 4.50 -17.75
N ASN A 70 -4.64 4.43 -17.48
CA ASN A 70 -5.15 5.09 -16.29
C ASN A 70 -4.66 4.39 -15.03
N ILE A 71 -4.26 5.14 -13.99
CA ILE A 71 -3.69 4.51 -12.80
C ILE A 71 -4.64 3.50 -12.13
N LYS A 72 -5.95 3.75 -12.21
CA LYS A 72 -6.93 2.87 -11.58
C LYS A 72 -7.23 1.64 -12.45
N GLN A 73 -6.71 1.63 -13.67
CA GLN A 73 -6.88 0.46 -14.55
C GLN A 73 -5.59 -0.36 -14.67
N LEU A 74 -4.49 0.15 -14.11
CA LEU A 74 -3.18 -0.43 -14.38
C LEU A 74 -3.08 -1.89 -13.93
N LEU A 75 -3.47 -2.16 -12.70
CA LEU A 75 -3.46 -3.53 -12.18
C LEU A 75 -4.26 -4.50 -13.04
N GLN A 76 -5.47 -4.10 -13.42
CA GLN A 76 -6.34 -4.95 -14.24
C GLN A 76 -5.86 -5.08 -15.67
N SER A 77 -5.08 -4.12 -16.15
CA SER A 77 -4.57 -4.19 -17.51
C SER A 77 -3.60 -5.37 -17.68
N ALA A 78 -2.99 -5.79 -16.58
CA ALA A 78 -2.16 -6.99 -16.55
C ALA A 78 -1.18 -7.10 -17.72
N HIS A 79 -0.30 -6.10 -17.87
CA HIS A 79 0.68 -6.10 -18.94
C HIS A 79 1.69 -7.22 -18.76
N LYS A 80 2.38 -7.57 -19.83
CA LYS A 80 3.40 -8.63 -19.77
C LYS A 80 4.50 -8.23 -18.77
N GLU A 81 4.93 -9.19 -17.94
CA GLU A 81 6.05 -8.94 -17.03
C GLU A 81 7.27 -8.49 -17.82
N SER A 82 8.02 -7.53 -17.26
CA SER A 82 9.28 -7.10 -17.86
C SER A 82 9.14 -6.73 -19.33
N SER A 83 8.21 -5.84 -19.63
CA SER A 83 7.97 -5.48 -21.02
C SER A 83 8.20 -4.00 -21.32
N PHE A 84 8.46 -3.19 -20.30
CA PHE A 84 8.67 -1.75 -20.51
C PHE A 84 10.08 -1.28 -20.18
N ASP A 85 10.65 -0.46 -21.06
CA ASP A 85 11.95 0.18 -20.80
C ASP A 85 11.80 1.39 -19.87
N ILE A 86 10.69 2.12 -20.01
CA ILE A 86 10.48 3.36 -19.28
C ILE A 86 9.02 3.48 -18.87
N ILE A 87 8.78 3.89 -17.63
CA ILE A 87 7.44 4.21 -17.21
C ILE A 87 7.44 5.61 -16.61
N LEU A 88 6.51 6.43 -17.07
CA LEU A 88 6.35 7.81 -16.63
C LEU A 88 5.02 7.90 -15.91
N SER A 89 5.02 8.33 -14.65
CA SER A 89 3.77 8.37 -13.89
C SER A 89 3.63 9.67 -13.10
N GLY A 90 2.45 10.28 -13.18
CA GLY A 90 2.22 11.55 -12.50
C GLY A 90 2.83 12.74 -13.21
N LEU A 91 3.43 12.50 -14.36
CA LEU A 91 4.20 13.53 -15.07
C LEU A 91 3.44 14.33 -16.13
N VAL A 92 2.22 13.91 -16.50
CA VAL A 92 1.44 14.73 -17.41
C VAL A 92 1.22 16.07 -16.73
N PRO A 93 1.67 17.18 -17.36
CA PRO A 93 1.67 18.48 -16.68
C PRO A 93 0.29 18.90 -16.15
N GLY A 94 0.23 19.20 -14.85
CA GLY A 94 -1.00 19.58 -14.18
C GLY A 94 -1.55 18.46 -13.30
N SER A 95 -1.05 17.24 -13.52
CA SER A 95 -1.43 16.09 -12.70
C SER A 95 -1.01 16.26 -11.25
N THR A 96 -1.84 15.80 -10.32
CA THR A 96 -1.47 15.69 -8.92
C THR A 96 -1.88 14.31 -8.42
N THR A 97 -0.94 13.37 -8.43
CA THR A 97 -1.23 11.96 -8.29
C THR A 97 -0.44 11.32 -7.17
N LEU A 98 -1.11 10.52 -6.36
CA LEU A 98 -0.45 9.74 -5.32
C LEU A 98 -0.29 8.30 -5.77
N HIS A 99 0.85 7.70 -5.45
CA HIS A 99 1.15 6.35 -5.88
C HIS A 99 1.16 5.38 -4.70
N SER A 100 0.24 4.42 -4.72
CA SER A 100 0.15 3.44 -3.64
C SER A 100 1.25 2.39 -3.75
N ALA A 101 1.48 1.63 -2.68
CA ALA A 101 2.46 0.57 -2.75
C ALA A 101 2.11 -0.45 -3.83
N GLU A 102 0.82 -0.72 -3.97
CA GLU A 102 0.35 -1.69 -4.94
C GLU A 102 0.66 -1.23 -6.36
N ILE A 103 0.45 0.06 -6.61
CA ILE A 103 0.76 0.64 -7.94
C ILE A 103 2.25 0.60 -8.23
N LEU A 104 3.07 0.96 -7.25
CA LEU A 104 4.52 0.89 -7.42
C LEU A 104 5.02 -0.53 -7.68
N ALA A 105 4.45 -1.51 -6.97
CA ALA A 105 4.82 -2.89 -7.18
C ALA A 105 4.45 -3.36 -8.60
N GLU A 106 3.34 -2.89 -9.12
CA GLU A 106 2.91 -3.30 -10.46
C GLU A 106 3.82 -2.67 -11.51
N ILE A 107 4.16 -1.41 -11.29
CA ILE A 107 5.13 -0.71 -12.14
C ILE A 107 6.45 -1.49 -12.19
N ALA A 108 6.95 -1.89 -11.03
CA ALA A 108 8.16 -2.69 -10.96
C ALA A 108 8.02 -4.02 -11.71
N ARG A 109 6.85 -4.65 -11.62
CA ARG A 109 6.64 -5.93 -12.30
C ARG A 109 6.76 -5.80 -13.83
N ILE A 110 6.20 -4.72 -14.36
CA ILE A 110 6.09 -4.59 -15.81
C ILE A 110 7.28 -3.88 -16.46
N LEU A 111 8.12 -3.23 -15.65
CA LEU A 111 9.42 -2.78 -16.15
C LEU A 111 10.30 -4.00 -16.43
N ARG A 112 11.13 -3.94 -17.46
CA ARG A 112 12.17 -4.95 -17.64
C ARG A 112 13.38 -4.61 -16.76
N PRO A 113 14.25 -5.60 -16.48
CA PRO A 113 15.44 -5.29 -15.67
C PRO A 113 16.29 -4.25 -16.37
N GLY A 114 16.61 -3.16 -15.66
CA GLY A 114 17.32 -2.05 -16.26
C GLY A 114 16.36 -0.96 -16.72
N GLY A 115 15.07 -1.28 -16.71
CA GLY A 115 14.03 -0.31 -17.01
C GLY A 115 13.90 0.71 -15.91
N CYS A 116 13.42 1.91 -16.25
CA CYS A 116 13.40 3.01 -15.28
C CYS A 116 12.03 3.63 -15.11
N LEU A 117 11.67 3.90 -13.86
CA LEU A 117 10.49 4.67 -13.56
C LEU A 117 10.89 6.11 -13.27
N PHE A 118 10.14 7.05 -13.84
CA PHE A 118 10.21 8.46 -13.50
C PHE A 118 8.83 8.84 -13.01
N LEU A 119 8.78 9.38 -11.80
CA LEU A 119 7.52 9.60 -11.14
C LEU A 119 7.47 11.00 -10.56
N LYS A 120 6.31 11.65 -10.62
CA LYS A 120 6.14 12.92 -9.93
C LYS A 120 4.95 12.84 -8.99
N GLU A 121 5.13 13.32 -7.75
CA GLU A 121 4.06 13.19 -6.75
C GLU A 121 4.13 14.38 -5.82
N PRO A 122 2.97 14.98 -5.50
CA PRO A 122 3.02 16.05 -4.49
C PRO A 122 3.22 15.44 -3.11
N VAL A 123 4.17 15.98 -2.33
CA VAL A 123 4.48 15.41 -1.02
C VAL A 123 4.42 16.46 0.08
N GLU A 124 4.35 15.99 1.33
CA GLU A 124 4.34 16.89 2.48
C GLU A 124 5.74 17.08 3.02
N THR A 125 6.08 18.31 3.41
CA THR A 125 7.39 18.60 3.96
C THR A 125 7.53 17.97 5.35
N ALA A 126 6.40 17.75 6.00
CA ALA A 126 6.39 17.15 7.33
C ALA A 126 5.26 16.14 7.46
N VAL A 127 5.47 15.15 8.33
CA VAL A 127 4.55 14.03 8.47
C VAL A 127 3.19 14.46 9.02
N ASP A 128 2.14 14.13 8.28
CA ASP A 128 0.76 14.34 8.73
C ASP A 128 0.01 13.04 8.57
N ASN A 129 -0.29 12.39 9.69
CA ASN A 129 -0.98 11.10 9.65
C ASN A 129 -2.49 11.22 9.45
N ASN A 130 -2.96 12.42 9.13
CA ASN A 130 -4.36 12.64 8.82
C ASN A 130 -4.64 12.63 7.32
N SER A 131 -3.56 12.57 6.53
CA SER A 131 -3.70 12.57 5.09
C SER A 131 -2.85 11.50 4.44
N LYS A 132 -3.25 11.06 3.25
CA LYS A 132 -2.53 10.02 2.53
C LYS A 132 -1.31 10.56 1.78
N VAL A 133 -1.16 11.87 1.74
CA VAL A 133 0.05 12.47 1.18
C VAL A 133 1.27 12.00 1.96
N LYS A 134 2.32 11.60 1.27
CA LYS A 134 3.54 11.12 1.92
C LYS A 134 4.57 12.23 2.05
N THR A 135 5.67 11.92 2.74
CA THR A 135 6.86 12.75 2.66
C THR A 135 7.70 12.21 1.50
N ALA A 136 8.73 12.96 1.12
CA ALA A 136 9.68 12.52 0.10
C ALA A 136 10.36 11.23 0.55
N SER A 137 10.69 11.15 1.83
CA SER A 137 11.37 9.98 2.38
C SER A 137 10.53 8.71 2.30
N LYS A 138 9.27 8.80 2.71
CA LYS A 138 8.37 7.66 2.69
C LYS A 138 8.12 7.20 1.26
N LEU A 139 8.04 8.15 0.33
CA LEU A 139 7.85 7.81 -1.07
C LEU A 139 9.06 7.06 -1.64
N CYS A 140 10.26 7.53 -1.33
CA CYS A 140 11.48 6.83 -1.72
C CYS A 140 11.52 5.41 -1.18
N SER A 141 11.13 5.25 0.08
CA SER A 141 11.10 3.92 0.70
C SER A 141 10.07 3.02 0.04
N ALA A 142 8.99 3.62 -0.44
CA ALA A 142 7.96 2.89 -1.14
C ALA A 142 8.50 2.32 -2.45
N LEU A 143 9.28 3.11 -3.18
CA LEU A 143 9.95 2.64 -4.39
C LEU A 143 10.91 1.50 -4.07
N THR A 144 11.67 1.65 -2.98
CA THR A 144 12.59 0.59 -2.58
C THR A 144 11.87 -0.72 -2.26
N LEU A 145 10.79 -0.63 -1.49
CA LEU A 145 10.03 -1.81 -1.10
C LEU A 145 9.33 -2.45 -2.29
N SER A 146 9.07 -1.65 -3.33
CA SER A 146 8.46 -2.20 -4.53
C SER A 146 9.48 -3.00 -5.32
N GLY A 147 10.75 -2.87 -4.98
CA GLY A 147 11.79 -3.66 -5.61
C GLY A 147 12.73 -2.86 -6.50
N LEU A 148 12.62 -1.53 -6.50
CA LEU A 148 13.49 -0.71 -7.35
C LEU A 148 14.82 -0.40 -6.68
N VAL A 149 15.85 -0.17 -7.49
CA VAL A 149 17.17 0.21 -6.99
C VAL A 149 17.59 1.54 -7.60
N GLU A 150 18.73 2.06 -7.15
CA GLU A 150 19.21 3.38 -7.54
C GLU A 150 18.07 4.40 -7.44
N VAL A 151 17.36 4.39 -6.32
CA VAL A 151 16.23 5.30 -6.13
C VAL A 151 16.77 6.69 -5.76
N LYS A 152 16.47 7.68 -6.60
CA LYS A 152 17.04 9.01 -6.43
C LYS A 152 16.01 10.09 -6.66
N GLU A 153 16.07 11.14 -5.86
CA GLU A 153 15.25 12.32 -6.08
C GLU A 153 15.93 13.18 -7.13
N LEU A 154 15.19 13.57 -8.16
CA LEU A 154 15.75 14.32 -9.29
C LEU A 154 15.43 15.81 -9.27
N GLN A 155 14.25 16.17 -8.77
CA GLN A 155 13.81 17.57 -8.77
C GLN A 155 12.82 17.83 -7.63
N ARG A 156 12.73 19.10 -7.22
CA ARG A 156 11.67 19.57 -6.32
C ARG A 156 11.09 20.83 -6.91
N GLU A 157 9.76 20.90 -6.99
CA GLU A 157 9.11 22.07 -7.58
C GLU A 157 7.98 22.56 -6.68
N PRO A 158 7.69 23.87 -6.71
CA PRO A 158 6.48 24.33 -6.04
C PRO A 158 5.26 24.03 -6.91
N LEU A 159 4.08 23.98 -6.30
CA LEU A 159 2.85 23.78 -7.05
C LEU A 159 2.34 25.10 -7.61
N THR A 160 1.78 25.06 -8.81
CA THR A 160 1.08 26.22 -9.39
C THR A 160 -0.26 26.37 -8.69
N PRO A 161 -0.93 27.52 -8.86
CA PRO A 161 -2.24 27.67 -8.18
C PRO A 161 -3.24 26.58 -8.61
N GLU A 162 -3.21 26.21 -9.88
CA GLU A 162 -4.10 25.18 -10.40
C GLU A 162 -3.81 23.81 -9.79
N GLU A 163 -2.54 23.48 -9.66
CA GLU A 163 -2.14 22.23 -9.02
C GLU A 163 -2.50 22.24 -7.54
N VAL A 164 -2.46 23.42 -6.93
CA VAL A 164 -2.93 23.52 -5.55
C VAL A 164 -4.43 23.21 -5.49
N GLN A 165 -5.18 23.73 -6.46
CA GLN A 165 -6.61 23.48 -6.51
C GLN A 165 -6.86 22.00 -6.79
N SER A 166 -6.08 21.45 -7.71
CA SER A 166 -6.18 20.05 -8.08
C SER A 166 -5.98 19.12 -6.88
N VAL A 167 -5.01 19.44 -6.03
CA VAL A 167 -4.80 18.67 -4.81
C VAL A 167 -6.04 18.79 -3.91
N ARG A 168 -6.60 19.99 -3.83
CA ARG A 168 -7.83 20.20 -3.06
C ARG A 168 -8.97 19.36 -3.64
N GLU A 169 -9.24 19.59 -4.92
CA GLU A 169 -10.35 18.96 -5.63
C GLU A 169 -10.23 17.43 -5.69
N HIS A 170 -9.07 16.93 -6.12
CA HIS A 170 -8.92 15.51 -6.38
C HIS A 170 -8.38 14.68 -5.23
N LEU A 171 -7.61 15.29 -4.33
CA LEU A 171 -7.07 14.55 -3.20
C LEU A 171 -7.71 14.96 -1.85
N GLY A 172 -8.63 15.92 -1.89
CA GLY A 172 -9.31 16.40 -0.70
C GLY A 172 -8.37 16.78 0.43
N HIS A 173 -7.34 17.55 0.11
CA HIS A 173 -6.29 17.85 1.08
C HIS A 173 -5.81 19.30 0.98
N GLU A 174 -5.57 19.91 2.15
CA GLU A 174 -5.10 21.28 2.22
C GLU A 174 -3.93 21.39 3.18
N SER A 175 -2.79 21.85 2.66
CA SER A 175 -1.59 22.00 3.46
C SER A 175 -0.76 23.20 2.99
N ASP A 176 0.30 23.51 3.74
CA ASP A 176 1.18 24.62 3.41
C ASP A 176 2.58 24.13 3.05
N ASN A 177 2.75 22.82 3.03
CA ASN A 177 4.05 22.22 2.72
C ASN A 177 3.95 21.20 1.60
N LEU A 178 3.17 21.53 0.57
CA LEU A 178 3.00 20.64 -0.58
C LEU A 178 3.95 21.01 -1.72
N LEU A 179 4.95 20.18 -1.94
CA LEU A 179 5.93 20.41 -3.00
C LEU A 179 5.80 19.21 -3.92
N PHE A 180 6.22 19.37 -5.17
CA PHE A 180 6.34 18.24 -6.07
C PHE A 180 7.75 17.68 -5.97
N VAL A 181 7.87 16.36 -5.84
CA VAL A 181 9.17 15.73 -6.03
C VAL A 181 9.14 14.85 -7.26
N GLN A 182 10.21 14.89 -8.04
CA GLN A 182 10.38 13.94 -9.11
C GLN A 182 11.40 12.91 -8.67
N ILE A 183 11.01 11.64 -8.75
CA ILE A 183 11.86 10.55 -8.28
C ILE A 183 12.01 9.52 -9.37
N THR A 184 13.17 8.89 -9.41
CA THR A 184 13.41 7.82 -10.35
C THR A 184 13.91 6.58 -9.63
N GLY A 185 13.71 5.41 -10.24
CA GLY A 185 14.20 4.15 -9.71
C GLY A 185 14.33 3.16 -10.86
N LYS A 186 15.20 2.17 -10.69
CA LYS A 186 15.54 1.23 -11.76
C LYS A 186 15.21 -0.19 -11.31
N LYS A 187 14.66 -1.00 -12.21
CA LYS A 187 14.42 -2.40 -11.88
C LYS A 187 15.70 -3.22 -11.96
N PRO A 188 16.06 -3.90 -10.86
CA PRO A 188 17.28 -4.71 -10.88
C PRO A 188 17.02 -6.04 -11.58
N ASN A 189 18.08 -6.69 -12.01
CA ASN A 189 17.92 -8.05 -12.46
C ASN A 189 17.58 -8.94 -11.27
N PHE A 190 16.87 -10.04 -11.54
CA PHE A 190 16.39 -10.88 -10.46
C PHE A 190 17.54 -11.62 -9.79
N GLU A 191 17.50 -11.66 -8.45
CA GLU A 191 18.53 -12.34 -7.69
C GLU A 191 17.95 -13.35 -6.71
N ASP B 12 -16.37 -14.92 27.33
CA ASP B 12 -16.66 -14.84 25.91
C ASP B 12 -16.29 -16.13 25.19
N LEU B 13 -17.28 -16.77 24.55
CA LEU B 13 -17.11 -18.08 23.92
C LEU B 13 -16.09 -18.04 22.79
N GLY B 14 -16.16 -17.00 21.96
CA GLY B 14 -15.20 -16.84 20.89
C GLY B 14 -13.80 -16.63 21.43
N THR B 15 -13.69 -15.82 22.46
CA THR B 15 -12.38 -15.53 23.05
C THR B 15 -11.82 -16.76 23.77
N GLU B 16 -12.69 -17.51 24.45
CA GLU B 16 -12.29 -18.76 25.08
C GLU B 16 -11.71 -19.71 24.04
N ASN B 17 -12.43 -19.90 22.95
CA ASN B 17 -11.97 -20.78 21.87
C ASN B 17 -10.62 -20.37 21.25
N LEU B 18 -10.47 -19.08 20.95
CA LEU B 18 -9.21 -18.57 20.38
C LEU B 18 -8.04 -18.85 21.32
N TYR B 19 -8.28 -18.63 22.61
CA TYR B 19 -7.27 -18.84 23.64
C TYR B 19 -6.84 -20.32 23.75
N PHE B 20 -7.80 -21.23 23.83
CA PHE B 20 -7.45 -22.64 23.98
C PHE B 20 -6.83 -23.18 22.70
N GLN B 21 -7.40 -22.84 21.56
CA GLN B 21 -6.93 -23.39 20.30
C GLN B 21 -5.57 -22.82 19.87
N SER B 22 -5.14 -21.71 20.46
CA SER B 22 -3.83 -21.14 20.15
C SER B 22 -2.79 -21.47 21.22
N ASN B 23 -3.10 -22.44 22.09
CA ASN B 23 -2.22 -22.81 23.20
C ASN B 23 -2.02 -21.61 24.15
N ALA B 24 -3.11 -21.03 24.60
CA ALA B 24 -3.06 -19.87 25.48
C ALA B 24 -2.24 -18.76 24.84
N MET B 25 -2.43 -18.59 23.54
CA MET B 25 -1.80 -17.54 22.74
C MET B 25 -0.32 -17.77 22.49
N ALA B 26 0.22 -18.87 22.99
CA ALA B 26 1.62 -19.21 22.75
C ALA B 26 1.90 -19.38 21.25
N ASP B 27 0.89 -19.80 20.50
CA ASP B 27 1.02 -19.97 19.05
C ASP B 27 1.16 -18.61 18.34
N PHE B 28 0.82 -17.54 19.03
CA PHE B 28 0.96 -16.19 18.47
C PHE B 28 2.17 -15.49 19.10
N GLY B 29 3.07 -16.26 19.70
CA GLY B 29 4.28 -15.71 20.29
C GLY B 29 4.07 -14.87 21.55
N ILE B 30 2.89 -15.01 22.16
CA ILE B 30 2.55 -14.26 23.36
C ILE B 30 3.02 -14.99 24.62
N SER B 31 3.84 -14.32 25.43
CA SER B 31 4.30 -14.88 26.69
C SER B 31 4.69 -13.76 27.64
N ALA B 32 5.05 -14.14 28.86
CA ALA B 32 5.47 -13.19 29.87
C ALA B 32 6.54 -12.20 29.35
N GLY B 33 6.30 -10.91 29.55
CA GLY B 33 7.29 -9.89 29.23
C GLY B 33 7.19 -9.32 27.83
N GLN B 34 6.36 -9.94 26.99
CA GLN B 34 6.23 -9.48 25.60
C GLN B 34 5.49 -8.16 25.52
N PHE B 35 5.88 -7.34 24.54
CA PHE B 35 5.16 -6.12 24.18
C PHE B 35 4.29 -6.42 22.97
N VAL B 36 2.98 -6.32 23.16
CA VAL B 36 2.01 -6.75 22.14
C VAL B 36 1.05 -5.60 21.83
N ALA B 37 0.75 -5.39 20.54
CA ALA B 37 -0.35 -4.50 20.17
C ALA B 37 -1.52 -5.33 19.65
N VAL B 38 -2.74 -4.99 20.08
CA VAL B 38 -3.96 -5.64 19.62
C VAL B 38 -4.75 -4.62 18.81
N VAL B 39 -4.97 -4.92 17.53
CA VAL B 39 -5.68 -3.99 16.66
C VAL B 39 -7.13 -4.44 16.50
N TRP B 40 -8.08 -3.52 16.71
CA TRP B 40 -9.50 -3.84 16.65
C TRP B 40 -10.20 -2.80 15.80
N ASP B 41 -11.48 -3.05 15.46
CA ASP B 41 -12.27 -2.00 14.80
C ASP B 41 -13.73 -2.14 15.20
N LYS B 42 -14.61 -1.36 14.59
CA LYS B 42 -16.00 -1.36 15.03
C LYS B 42 -16.74 -2.66 14.72
N SER B 43 -16.09 -3.57 13.99
CA SER B 43 -16.70 -4.88 13.75
C SER B 43 -16.34 -5.89 14.86
N SER B 44 -15.41 -5.52 15.74
CA SER B 44 -14.98 -6.35 16.87
C SER B 44 -16.00 -6.27 18.02
N PRO B 45 -16.65 -7.40 18.36
CA PRO B 45 -17.58 -7.39 19.51
C PRO B 45 -16.86 -6.94 20.77
N VAL B 46 -17.47 -5.98 21.46
CA VAL B 46 -16.85 -5.34 22.62
C VAL B 46 -16.45 -6.32 23.71
N GLU B 47 -17.30 -7.30 23.98
CA GLU B 47 -16.99 -8.30 25.00
C GLU B 47 -15.80 -9.16 24.58
N ALA B 48 -15.70 -9.47 23.29
CA ALA B 48 -14.62 -10.30 22.82
C ALA B 48 -13.30 -9.52 22.92
N LEU B 49 -13.35 -8.24 22.60
CA LEU B 49 -12.17 -7.40 22.72
C LEU B 49 -11.71 -7.33 24.17
N LYS B 50 -12.63 -7.00 25.09
CA LYS B 50 -12.28 -6.88 26.50
C LYS B 50 -11.72 -8.18 27.06
N GLY B 51 -12.34 -9.29 26.68
CA GLY B 51 -11.90 -10.60 27.12
C GLY B 51 -10.52 -10.99 26.61
N LEU B 52 -10.24 -10.71 25.34
CA LEU B 52 -8.92 -10.99 24.77
C LEU B 52 -7.85 -10.14 25.43
N VAL B 53 -8.16 -8.85 25.60
CA VAL B 53 -7.21 -7.95 26.27
C VAL B 53 -6.89 -8.43 27.70
N ASP B 54 -7.91 -8.89 28.41
CA ASP B 54 -7.70 -9.42 29.76
C ASP B 54 -6.75 -10.61 29.75
N LYS B 55 -6.96 -11.54 28.81
CA LYS B 55 -6.10 -12.70 28.69
C LYS B 55 -4.67 -12.27 28.36
N LEU B 56 -4.54 -11.33 27.42
CA LEU B 56 -3.22 -10.89 27.00
C LEU B 56 -2.47 -10.19 28.13
N GLN B 57 -3.19 -9.41 28.92
CA GLN B 57 -2.57 -8.74 30.06
C GLN B 57 -2.08 -9.74 31.08
N ALA B 58 -2.89 -10.77 31.34
CA ALA B 58 -2.49 -11.80 32.28
C ALA B 58 -1.24 -12.55 31.80
N LEU B 59 -1.20 -12.89 30.52
CA LEU B 59 -0.04 -13.59 29.95
C LEU B 59 1.23 -12.74 29.94
N THR B 60 1.12 -11.49 29.47
CA THR B 60 2.31 -10.65 29.35
C THR B 60 2.82 -10.16 30.70
N GLY B 61 1.90 -9.95 31.64
CA GLY B 61 2.29 -9.57 32.99
C GLY B 61 2.88 -8.18 33.12
N ASN B 62 3.36 -7.88 34.33
CA ASN B 62 3.89 -6.55 34.65
C ASN B 62 5.08 -6.13 33.81
N GLU B 63 5.90 -7.09 33.40
CA GLU B 63 7.11 -6.76 32.63
C GLU B 63 6.77 -6.52 31.16
N GLY B 64 5.63 -7.05 30.73
CA GLY B 64 5.23 -6.91 29.34
C GLY B 64 4.34 -5.70 29.13
N ARG B 65 3.70 -5.63 27.97
CA ARG B 65 2.80 -4.51 27.64
C ARG B 65 1.75 -4.92 26.63
N VAL B 66 0.51 -4.47 26.82
CA VAL B 66 -0.51 -4.63 25.79
C VAL B 66 -1.01 -3.25 25.39
N SER B 67 -0.77 -2.89 24.12
CA SER B 67 -1.29 -1.66 23.57
C SER B 67 -2.51 -2.02 22.74
N VAL B 68 -3.64 -1.39 23.06
CA VAL B 68 -4.90 -1.69 22.38
C VAL B 68 -5.19 -0.51 21.48
N GLU B 69 -5.29 -0.76 20.16
CA GLU B 69 -5.40 0.31 19.19
C GLU B 69 -6.50 0.06 18.18
N ASN B 70 -7.35 1.06 17.98
CA ASN B 70 -8.29 1.00 16.89
C ASN B 70 -7.55 1.18 15.57
N ILE B 71 -7.93 0.40 14.57
CA ILE B 71 -7.21 0.42 13.29
C ILE B 71 -7.22 1.81 12.63
N LYS B 72 -8.30 2.56 12.83
CA LYS B 72 -8.41 3.87 12.17
C LYS B 72 -7.64 4.92 12.96
N GLN B 73 -7.14 4.53 14.13
CA GLN B 73 -6.36 5.43 14.97
C GLN B 73 -4.87 5.07 14.95
N LEU B 74 -4.54 3.92 14.36
CA LEU B 74 -3.18 3.39 14.46
C LEU B 74 -2.10 4.37 13.98
N LEU B 75 -2.24 4.85 12.75
CA LEU B 75 -1.26 5.80 12.20
C LEU B 75 -1.13 7.03 13.08
N GLN B 76 -2.27 7.59 13.48
CA GLN B 76 -2.28 8.81 14.26
C GLN B 76 -1.71 8.61 15.67
N SER B 77 -1.77 7.38 16.19
CA SER B 77 -1.20 7.10 17.49
C SER B 77 0.33 7.16 17.48
N ALA B 78 0.91 6.99 16.30
CA ALA B 78 2.36 7.13 16.08
C ALA B 78 3.22 6.53 17.20
N HIS B 79 3.17 5.21 17.34
CA HIS B 79 3.96 4.52 18.35
C HIS B 79 5.45 4.60 18.01
N LYS B 80 6.29 4.38 19.01
CA LYS B 80 7.74 4.33 18.80
C LYS B 80 8.07 3.27 17.76
N GLU B 81 8.95 3.61 16.82
CA GLU B 81 9.41 2.62 15.84
C GLU B 81 10.06 1.43 16.56
N SER B 82 9.85 0.24 16.02
CA SER B 82 10.46 -0.99 16.54
C SER B 82 10.26 -1.18 18.04
N SER B 83 9.01 -1.12 18.49
CA SER B 83 8.75 -1.19 19.92
C SER B 83 7.86 -2.37 20.31
N PHE B 84 7.32 -3.08 19.33
CA PHE B 84 6.46 -4.25 19.61
C PHE B 84 7.05 -5.59 19.20
N ASP B 85 6.97 -6.59 20.07
CA ASP B 85 7.40 -7.94 19.74
C ASP B 85 6.38 -8.64 18.86
N ILE B 86 5.09 -8.44 19.17
CA ILE B 86 4.00 -9.10 18.46
C ILE B 86 2.88 -8.11 18.21
N ILE B 87 2.27 -8.18 17.03
CA ILE B 87 1.05 -7.45 16.75
C ILE B 87 -0.02 -8.41 16.25
N LEU B 88 -1.21 -8.29 16.84
CA LEU B 88 -2.36 -9.12 16.47
C LEU B 88 -3.42 -8.22 15.86
N SER B 89 -3.85 -8.52 14.64
CA SER B 89 -4.82 -7.63 14.01
C SER B 89 -5.92 -8.42 13.32
N GLY B 90 -7.16 -7.99 13.53
CA GLY B 90 -8.31 -8.67 12.95
C GLY B 90 -8.68 -9.95 13.68
N LEU B 91 -7.98 -10.23 14.77
CA LEU B 91 -8.13 -11.49 15.50
C LEU B 91 -9.12 -11.49 16.66
N VAL B 92 -9.61 -10.33 17.07
CA VAL B 92 -10.68 -10.34 18.08
C VAL B 92 -11.86 -11.13 17.52
N PRO B 93 -12.26 -12.21 18.21
CA PRO B 93 -13.30 -13.07 17.61
C PRO B 93 -14.58 -12.32 17.26
N GLY B 94 -15.05 -12.51 16.03
CA GLY B 94 -16.20 -11.79 15.51
C GLY B 94 -15.81 -10.70 14.52
N SER B 95 -14.57 -10.21 14.64
CA SER B 95 -14.10 -9.15 13.73
C SER B 95 -14.11 -9.60 12.28
N THR B 96 -14.37 -8.64 11.37
CA THR B 96 -14.25 -8.84 9.93
C THR B 96 -13.57 -7.62 9.34
N THR B 97 -12.24 -7.68 9.28
CA THR B 97 -11.41 -6.50 9.07
C THR B 97 -10.51 -6.67 7.85
N LEU B 98 -10.46 -5.64 7.01
CA LEU B 98 -9.51 -5.57 5.90
C LEU B 98 -8.38 -4.61 6.22
N HIS B 99 -7.19 -4.95 5.75
CA HIS B 99 -5.98 -4.23 6.09
C HIS B 99 -5.43 -3.57 4.84
N SER B 100 -5.39 -2.24 4.86
CA SER B 100 -4.87 -1.46 3.74
C SER B 100 -3.37 -1.50 3.76
N ALA B 101 -2.75 -1.04 2.66
CA ALA B 101 -1.30 -0.95 2.60
C ALA B 101 -0.74 0.03 3.64
N GLU B 102 -1.48 1.10 3.95
CA GLU B 102 -1.01 2.05 4.94
C GLU B 102 -0.94 1.43 6.32
N ILE B 103 -1.96 0.64 6.65
CA ILE B 103 -1.98 -0.04 7.94
C ILE B 103 -0.85 -1.06 8.05
N LEU B 104 -0.70 -1.88 7.01
CA LEU B 104 0.36 -2.89 7.01
C LEU B 104 1.74 -2.27 7.13
N ALA B 105 1.96 -1.14 6.47
CA ALA B 105 3.25 -0.45 6.59
C ALA B 105 3.51 0.10 8.00
N GLU B 106 2.48 0.64 8.65
CA GLU B 106 2.63 1.15 9.99
C GLU B 106 2.93 0.01 10.95
N ILE B 107 2.28 -1.12 10.75
CA ILE B 107 2.52 -2.30 11.59
C ILE B 107 3.98 -2.73 11.44
N ALA B 108 4.45 -2.81 10.21
CA ALA B 108 5.84 -3.17 9.96
C ALA B 108 6.79 -2.18 10.61
N ARG B 109 6.41 -0.91 10.62
CA ARG B 109 7.23 0.14 11.23
C ARG B 109 7.34 0.02 12.76
N ILE B 110 6.25 -0.34 13.42
CA ILE B 110 6.25 -0.35 14.87
C ILE B 110 6.68 -1.70 15.47
N LEU B 111 6.70 -2.74 14.65
CA LEU B 111 7.27 -4.01 15.09
C LEU B 111 8.78 -3.85 15.22
N ARG B 112 9.38 -4.52 16.21
CA ARG B 112 10.84 -4.59 16.30
C ARG B 112 11.35 -5.55 15.22
N PRO B 113 12.62 -5.39 14.80
CA PRO B 113 13.12 -6.43 13.89
C PRO B 113 13.09 -7.79 14.59
N GLY B 114 12.65 -8.83 13.89
CA GLY B 114 12.47 -10.14 14.48
C GLY B 114 11.05 -10.36 15.00
N GLY B 115 10.29 -9.28 15.13
CA GLY B 115 8.93 -9.38 15.65
C GLY B 115 7.96 -9.93 14.63
N CYS B 116 6.79 -10.38 15.09
CA CYS B 116 5.82 -11.00 14.19
C CYS B 116 4.45 -10.34 14.22
N LEU B 117 3.82 -10.33 13.05
CA LEU B 117 2.42 -9.98 12.90
C LEU B 117 1.62 -11.27 12.73
N PHE B 118 0.50 -11.35 13.44
CA PHE B 118 -0.50 -12.38 13.19
C PHE B 118 -1.78 -11.67 12.86
N LEU B 119 -2.33 -12.01 11.70
CA LEU B 119 -3.42 -11.25 11.14
C LEU B 119 -4.50 -12.20 10.67
N LYS B 120 -5.75 -11.79 10.84
CA LYS B 120 -6.88 -12.53 10.28
C LYS B 120 -7.72 -11.61 9.43
N GLU B 121 -8.08 -12.07 8.24
CA GLU B 121 -8.83 -11.25 7.30
C GLU B 121 -9.77 -12.12 6.47
N PRO B 122 -11.02 -11.65 6.28
CA PRO B 122 -11.90 -12.37 5.34
C PRO B 122 -11.43 -12.14 3.90
N VAL B 123 -11.39 -13.22 3.13
CA VAL B 123 -10.94 -13.14 1.75
C VAL B 123 -11.99 -13.79 0.87
N GLU B 124 -11.90 -13.54 -0.43
CA GLU B 124 -12.86 -14.11 -1.36
C GLU B 124 -12.17 -15.22 -2.15
N THR B 125 -12.88 -16.31 -2.33
CA THR B 125 -12.36 -17.44 -3.09
C THR B 125 -12.72 -17.31 -4.56
N ALA B 126 -13.64 -16.39 -4.86
CA ALA B 126 -13.95 -16.03 -6.23
C ALA B 126 -13.83 -14.52 -6.35
N VAL B 127 -13.10 -14.04 -7.36
CA VAL B 127 -12.85 -12.61 -7.50
C VAL B 127 -14.13 -11.80 -7.68
N ASP B 128 -14.24 -10.72 -6.90
CA ASP B 128 -15.36 -9.79 -7.00
C ASP B 128 -14.72 -8.41 -7.05
N ASN B 129 -14.68 -7.83 -8.24
CA ASN B 129 -14.00 -6.56 -8.43
C ASN B 129 -14.85 -5.34 -8.01
N ASN B 130 -16.04 -5.62 -7.49
CA ASN B 130 -16.91 -4.58 -6.94
C ASN B 130 -16.75 -4.45 -5.42
N SER B 131 -15.86 -5.25 -4.83
CA SER B 131 -15.64 -5.16 -3.39
C SER B 131 -14.17 -5.10 -3.03
N LYS B 132 -13.88 -4.49 -1.89
CA LYS B 132 -12.51 -4.31 -1.42
C LYS B 132 -11.90 -5.57 -0.81
N VAL B 133 -12.72 -6.58 -0.58
CA VAL B 133 -12.23 -7.87 -0.11
C VAL B 133 -11.25 -8.45 -1.13
N LYS B 134 -10.11 -8.95 -0.65
CA LYS B 134 -9.05 -9.47 -1.52
C LYS B 134 -9.08 -10.99 -1.58
N THR B 135 -8.21 -11.54 -2.41
CA THR B 135 -7.95 -12.98 -2.39
C THR B 135 -6.80 -13.26 -1.43
N ALA B 136 -6.65 -14.53 -1.05
CA ALA B 136 -5.56 -14.96 -0.17
C ALA B 136 -4.19 -14.59 -0.73
N SER B 137 -4.02 -14.73 -2.05
CA SER B 137 -2.75 -14.42 -2.68
C SER B 137 -2.42 -12.92 -2.65
N LYS B 138 -3.46 -12.09 -2.82
CA LYS B 138 -3.30 -10.65 -2.75
C LYS B 138 -2.91 -10.21 -1.33
N LEU B 139 -3.46 -10.91 -0.34
CA LEU B 139 -3.15 -10.60 1.06
C LEU B 139 -1.68 -10.88 1.40
N CYS B 140 -1.19 -12.05 1.00
CA CYS B 140 0.21 -12.37 1.17
C CYS B 140 1.10 -11.31 0.55
N SER B 141 0.80 -10.94 -0.69
CA SER B 141 1.62 -9.98 -1.42
C SER B 141 1.63 -8.66 -0.68
N ALA B 142 0.48 -8.27 -0.14
CA ALA B 142 0.37 -7.05 0.65
C ALA B 142 1.28 -7.07 1.88
N LEU B 143 1.38 -8.21 2.55
CA LEU B 143 2.28 -8.33 3.70
C LEU B 143 3.75 -8.18 3.26
N THR B 144 4.11 -8.90 2.21
CA THR B 144 5.45 -8.79 1.64
C THR B 144 5.75 -7.36 1.20
N LEU B 145 4.75 -6.70 0.61
CA LEU B 145 4.92 -5.33 0.15
C LEU B 145 5.17 -4.34 1.29
N SER B 146 4.67 -4.65 2.48
CA SER B 146 4.85 -3.77 3.62
C SER B 146 6.25 -3.90 4.20
N GLY B 147 6.94 -4.97 3.82
CA GLY B 147 8.31 -5.16 4.28
C GLY B 147 8.49 -6.41 5.12
N LEU B 148 7.42 -7.18 5.27
CA LEU B 148 7.48 -8.40 6.07
C LEU B 148 8.06 -9.57 5.29
N VAL B 149 8.84 -10.40 5.99
CA VAL B 149 9.47 -11.57 5.40
C VAL B 149 8.92 -12.80 6.12
N GLU B 150 9.16 -13.97 5.56
CA GLU B 150 8.67 -15.23 6.11
C GLU B 150 7.16 -15.20 6.25
N VAL B 151 6.52 -14.58 5.27
CA VAL B 151 5.06 -14.51 5.22
C VAL B 151 4.47 -15.88 4.93
N LYS B 152 3.59 -16.34 5.81
CA LYS B 152 3.04 -17.70 5.77
C LYS B 152 1.58 -17.73 6.21
N GLU B 153 0.77 -18.49 5.50
CA GLU B 153 -0.60 -18.72 5.90
C GLU B 153 -0.63 -19.80 6.98
N LEU B 154 -1.38 -19.55 8.05
CA LEU B 154 -1.43 -20.50 9.15
C LEU B 154 -2.71 -21.33 9.20
N GLN B 155 -3.82 -20.75 8.76
CA GLN B 155 -5.13 -21.37 8.91
C GLN B 155 -6.15 -20.74 7.99
N ARG B 156 -7.17 -21.53 7.63
CA ARG B 156 -8.36 -21.05 6.94
C ARG B 156 -9.59 -21.55 7.67
N GLU B 157 -10.54 -20.65 7.88
CA GLU B 157 -11.77 -21.01 8.59
C GLU B 157 -12.94 -20.41 7.83
N PRO B 158 -14.11 -21.08 7.89
CA PRO B 158 -15.32 -20.52 7.29
C PRO B 158 -15.91 -19.50 8.26
N LEU B 159 -16.81 -18.65 7.76
CA LEU B 159 -17.44 -17.64 8.60
C LEU B 159 -18.76 -18.14 9.14
N THR B 160 -19.09 -17.72 10.35
CA THR B 160 -20.43 -17.94 10.89
C THR B 160 -21.39 -17.03 10.13
N PRO B 161 -22.69 -17.31 10.21
CA PRO B 161 -23.67 -16.40 9.61
C PRO B 161 -23.57 -14.97 10.14
N GLU B 162 -23.30 -14.81 11.43
CA GLU B 162 -23.11 -13.46 11.98
C GLU B 162 -21.89 -12.77 11.38
N GLU B 163 -20.82 -13.52 11.14
CA GLU B 163 -19.62 -12.97 10.51
C GLU B 163 -19.87 -12.63 9.03
N VAL B 164 -20.63 -13.45 8.33
CA VAL B 164 -21.00 -13.09 6.98
C VAL B 164 -21.81 -11.78 6.99
N GLN B 165 -22.74 -11.65 7.93
CA GLN B 165 -23.54 -10.43 8.03
C GLN B 165 -22.65 -9.21 8.34
N SER B 166 -21.64 -9.44 9.17
CA SER B 166 -20.64 -8.42 9.48
C SER B 166 -19.89 -7.97 8.23
N VAL B 167 -19.45 -8.93 7.42
CA VAL B 167 -18.80 -8.60 6.15
C VAL B 167 -19.70 -7.74 5.25
N ARG B 168 -20.99 -8.08 5.21
CA ARG B 168 -21.92 -7.33 4.38
C ARG B 168 -22.08 -5.92 4.91
N GLU B 169 -22.27 -5.78 6.22
CA GLU B 169 -22.58 -4.48 6.81
C GLU B 169 -21.35 -3.58 6.84
N HIS B 170 -20.20 -4.15 7.17
CA HIS B 170 -18.98 -3.36 7.37
C HIS B 170 -18.14 -3.17 6.12
N LEU B 171 -18.14 -4.17 5.23
CA LEU B 171 -17.23 -4.16 4.10
C LEU B 171 -17.92 -3.99 2.75
N GLY B 172 -19.25 -4.11 2.72
CA GLY B 172 -20.01 -3.93 1.50
C GLY B 172 -19.85 -5.08 0.50
N HIS B 173 -19.33 -6.20 0.96
CA HIS B 173 -19.13 -7.37 0.13
C HIS B 173 -20.38 -8.24 0.20
N GLU B 174 -21.00 -8.45 -0.96
CA GLU B 174 -22.32 -9.09 -1.02
C GLU B 174 -22.32 -10.42 -1.77
N SER B 175 -21.18 -10.78 -2.37
CA SER B 175 -21.11 -11.98 -3.21
C SER B 175 -20.66 -13.25 -2.47
N ASP B 176 -20.57 -13.17 -1.15
CA ASP B 176 -20.04 -14.26 -0.32
C ASP B 176 -18.76 -14.89 -0.88
N ASN B 177 -18.76 -16.22 -1.04
CA ASN B 177 -17.52 -16.96 -1.34
C ASN B 177 -16.42 -16.57 -0.34
N LEU B 178 -16.79 -16.45 0.93
CA LEU B 178 -15.88 -15.93 1.94
C LEU B 178 -15.19 -17.03 2.73
N LEU B 179 -13.98 -16.74 3.17
CA LEU B 179 -13.20 -17.58 4.07
C LEU B 179 -12.34 -16.65 4.91
N PHE B 180 -12.06 -17.03 6.16
CA PHE B 180 -11.06 -16.31 6.93
C PHE B 180 -9.68 -16.88 6.64
N VAL B 181 -8.72 -16.02 6.41
CA VAL B 181 -7.32 -16.45 6.38
C VAL B 181 -6.55 -15.87 7.57
N GLN B 182 -5.85 -16.75 8.29
CA GLN B 182 -4.93 -16.32 9.33
CA GLN B 182 -4.93 -16.32 9.33
C GLN B 182 -3.53 -16.41 8.76
N ILE B 183 -2.82 -15.28 8.75
CA ILE B 183 -1.53 -15.19 8.10
C ILE B 183 -0.52 -14.52 9.01
N THR B 184 0.75 -14.89 8.87
CA THR B 184 1.78 -14.28 9.70
C THR B 184 2.95 -13.80 8.85
N GLY B 185 3.72 -12.87 9.41
CA GLY B 185 4.92 -12.36 8.78
C GLY B 185 5.85 -11.78 9.82
N LYS B 186 7.13 -11.68 9.49
CA LYS B 186 8.14 -11.19 10.43
C LYS B 186 8.89 -9.96 9.89
N LYS B 187 9.19 -9.00 10.74
CA LYS B 187 10.03 -7.88 10.35
C LYS B 187 11.47 -8.35 10.25
N PRO B 188 12.15 -8.02 9.14
CA PRO B 188 13.57 -8.36 9.01
C PRO B 188 14.39 -7.73 10.11
#